data_9DT4
#
_entry.id   9DT4
#
_cell.length_a   37.120
_cell.length_b   56.840
_cell.length_c   106.007
_cell.angle_alpha   90.000
_cell.angle_beta   90.320
_cell.angle_gamma   90.000
#
_symmetry.space_group_name_H-M   'P 1 21 1'
#
loop_
_entity.id
_entity.type
_entity.pdbx_description
1 polymer 'Sulfonylurea repressor CsR (L4.2-20)'
2 water water
#
_entity_poly.entity_id   1
_entity_poly.type   'polypeptide(L)'
_entity_poly.pdbx_seq_one_letter_code
;MARLDKSKVINSALELLNEVGIEGLTTRKLAQKLGVEQPTLYWHVKNKRALLDALAIEMHDRHQTHYLPLEGESWQDFLR
NFAKSMRLALLSHRDGAKVSLGTRWTEQQYETAENMLAFLTQQGFSLENALYATDAVRVFTLGAVLLDQEQQVAKEERET
PTPDSMPPLLRQAWELKVHQGAEPAFLFGLELIIAGLEKQLKRESGS
;
_entity_poly.pdbx_strand_id   A,B
#
# COMPACT_ATOMS: atom_id res chain seq x y z
N ARG A 3 -25.67 -30.24 -0.58
CA ARG A 3 -24.27 -30.17 -0.05
C ARG A 3 -23.51 -28.99 -0.68
N LEU A 4 -22.60 -28.42 0.12
CA LEU A 4 -21.73 -27.32 -0.28
C LEU A 4 -20.27 -27.68 0.03
N ASP A 5 -19.40 -27.70 -0.99
CA ASP A 5 -17.97 -27.93 -0.78
C ASP A 5 -17.22 -26.60 -0.79
N LYS A 6 -16.10 -26.54 -0.04
CA LYS A 6 -15.33 -25.32 0.13
C LYS A 6 -14.87 -24.78 -1.22
N SER A 7 -14.67 -25.72 -2.15
CA SER A 7 -14.23 -25.43 -3.50
C SER A 7 -15.20 -24.50 -4.23
N LYS A 8 -16.50 -24.77 -4.11
CA LYS A 8 -17.53 -23.98 -4.79
C LYS A 8 -17.70 -22.62 -4.08
N VAL A 9 -17.61 -22.64 -2.74
CA VAL A 9 -17.71 -21.43 -1.93
C VAL A 9 -16.73 -20.38 -2.45
N ILE A 10 -15.46 -20.76 -2.66
CA ILE A 10 -14.36 -19.86 -2.97
C ILE A 10 -14.41 -19.44 -4.44
N ASN A 11 -14.73 -20.37 -5.34
CA ASN A 11 -14.99 -20.01 -6.74
C ASN A 11 -16.12 -18.99 -6.88
N SER A 12 -17.28 -19.23 -6.25
CA SER A 12 -18.40 -18.27 -6.20
C SER A 12 -17.96 -16.93 -5.63
N ALA A 13 -17.15 -16.99 -4.59
CA ALA A 13 -16.66 -15.81 -3.89
C ALA A 13 -15.78 -14.98 -4.84
N LEU A 14 -14.89 -15.67 -5.58
CA LEU A 14 -14.01 -14.97 -6.50
C LEU A 14 -14.84 -14.27 -7.57
N GLU A 15 -15.90 -14.94 -8.04
CA GLU A 15 -16.81 -14.38 -9.03
C GLU A 15 -17.56 -13.19 -8.43
N LEU A 16 -18.04 -13.35 -7.19
CA LEU A 16 -18.75 -12.24 -6.55
C LEU A 16 -17.87 -11.02 -6.37
N LEU A 17 -16.58 -11.24 -6.07
CA LEU A 17 -15.61 -10.18 -5.85
C LEU A 17 -15.47 -9.31 -7.10
N ASN A 18 -15.38 -9.95 -8.28
CA ASN A 18 -15.37 -9.25 -9.55
C ASN A 18 -16.63 -8.42 -9.76
N GLU A 19 -17.80 -8.92 -9.35
CA GLU A 19 -19.07 -8.23 -9.60
C GLU A 19 -19.21 -7.01 -8.68
N VAL A 20 -18.89 -7.12 -7.38
CA VAL A 20 -19.23 -6.05 -6.45
C VAL A 20 -18.00 -5.44 -5.75
N GLY A 21 -16.79 -5.96 -5.98
CA GLY A 21 -15.60 -5.43 -5.34
C GLY A 21 -15.56 -5.81 -3.86
N ILE A 22 -14.53 -5.33 -3.15
CA ILE A 22 -14.28 -5.82 -1.80
C ILE A 22 -15.27 -5.18 -0.82
N GLU A 23 -15.75 -3.97 -1.09
CA GLU A 23 -16.63 -3.25 -0.16
C GLU A 23 -18.04 -3.82 -0.18
N GLY A 24 -18.44 -4.40 -1.32
CA GLY A 24 -19.77 -4.95 -1.47
C GLY A 24 -19.83 -6.43 -1.12
N LEU A 25 -18.65 -7.02 -0.85
CA LEU A 25 -18.52 -8.43 -0.48
C LEU A 25 -18.98 -8.62 0.99
N THR A 26 -19.92 -9.56 1.17
CA THR A 26 -20.42 -9.97 2.48
C THR A 26 -20.73 -11.47 2.41
N THR A 27 -20.68 -12.12 3.58
CA THR A 27 -21.05 -13.51 3.65
C THR A 27 -22.52 -13.68 3.23
N ARG A 28 -23.37 -12.70 3.56
CA ARG A 28 -24.78 -12.70 3.17
C ARG A 28 -25.01 -12.78 1.66
N LYS A 29 -24.30 -11.95 0.89
CA LYS A 29 -24.42 -11.94 -0.56
C LYS A 29 -23.84 -13.23 -1.11
N LEU A 30 -22.81 -13.74 -0.46
CA LEU A 30 -22.23 -15.00 -0.88
C LEU A 30 -23.20 -16.17 -0.66
N ALA A 31 -23.88 -16.16 0.50
CA ALA A 31 -24.92 -17.13 0.78
C ALA A 31 -25.98 -17.06 -0.31
N GLN A 32 -26.49 -15.85 -0.55
CA GLN A 32 -27.53 -15.60 -1.54
C GLN A 32 -27.11 -16.13 -2.91
N LYS A 33 -25.92 -15.77 -3.39
CA LYS A 33 -25.44 -16.26 -4.68
C LYS A 33 -25.40 -17.79 -4.74
N LEU A 34 -25.05 -18.46 -3.63
CA LEU A 34 -24.96 -19.91 -3.61
C LEU A 34 -26.32 -20.58 -3.42
N GLY A 35 -27.37 -19.84 -3.04
CA GLY A 35 -28.64 -20.45 -2.71
C GLY A 35 -28.50 -21.34 -1.48
N VAL A 36 -27.94 -20.76 -0.40
CA VAL A 36 -27.84 -21.47 0.86
C VAL A 36 -28.15 -20.43 1.93
N GLU A 37 -28.50 -20.92 3.13
CA GLU A 37 -28.73 -20.07 4.29
C GLU A 37 -27.40 -19.80 4.99
N GLN A 38 -27.35 -18.67 5.72
CA GLN A 38 -26.14 -18.15 6.31
C GLN A 38 -25.50 -19.19 7.23
N PRO A 39 -26.28 -19.99 8.01
CA PRO A 39 -25.73 -21.14 8.75
C PRO A 39 -25.01 -22.22 7.94
N THR A 40 -25.54 -22.62 6.80
CA THR A 40 -24.84 -23.53 5.89
C THR A 40 -23.48 -22.95 5.46
N LEU A 41 -23.40 -21.64 5.18
CA LEU A 41 -22.16 -20.99 4.75
C LEU A 41 -21.20 -20.83 5.91
N TYR A 42 -21.77 -20.62 7.10
CA TYR A 42 -20.98 -20.34 8.27
C TYR A 42 -19.84 -21.35 8.39
N TRP A 43 -20.10 -22.62 8.08
CA TRP A 43 -19.13 -23.69 8.29
C TRP A 43 -17.86 -23.47 7.46
N HIS A 44 -18.03 -23.00 6.22
CA HIS A 44 -16.91 -22.81 5.28
C HIS A 44 -16.17 -21.52 5.59
N VAL A 45 -16.92 -20.48 6.01
CA VAL A 45 -16.40 -19.15 6.25
C VAL A 45 -17.20 -18.47 7.36
N LYS A 46 -16.52 -18.17 8.48
CA LYS A 46 -17.20 -17.72 9.70
C LYS A 46 -17.67 -16.27 9.58
N ASN A 47 -16.89 -15.45 8.88
CA ASN A 47 -17.17 -14.03 8.73
C ASN A 47 -16.36 -13.45 7.58
N LYS A 48 -16.44 -12.13 7.42
CA LYS A 48 -15.89 -11.46 6.26
C LYS A 48 -14.38 -11.65 6.21
N ARG A 49 -13.71 -11.41 7.34
CA ARG A 49 -12.27 -11.59 7.41
C ARG A 49 -11.84 -12.99 6.94
N ALA A 50 -12.56 -14.04 7.33
CA ALA A 50 -12.10 -15.39 7.02
C ALA A 50 -12.25 -15.63 5.52
N LEU A 51 -13.21 -14.93 4.93
CA LEU A 51 -13.49 -15.07 3.52
C LEU A 51 -12.39 -14.36 2.72
N LEU A 52 -11.94 -13.21 3.22
CA LEU A 52 -10.90 -12.45 2.57
C LEU A 52 -9.61 -13.27 2.66
N ASP A 53 -9.37 -13.85 3.83
CA ASP A 53 -8.21 -14.69 4.04
C ASP A 53 -8.29 -15.91 3.11
N ALA A 54 -9.46 -16.53 2.98
CA ALA A 54 -9.56 -17.71 2.12
C ALA A 54 -9.36 -17.31 0.65
N LEU A 55 -9.80 -16.08 0.32
CA LEU A 55 -9.68 -15.54 -1.03
C LEU A 55 -8.21 -15.26 -1.40
N ALA A 56 -7.44 -14.65 -0.49
CA ALA A 56 -6.05 -14.33 -0.76
C ALA A 56 -5.25 -15.62 -0.96
N ILE A 57 -5.44 -16.62 -0.12
CA ILE A 57 -4.71 -17.87 -0.25
C ILE A 57 -4.97 -18.46 -1.64
N GLU A 58 -6.26 -18.50 -2.03
CA GLU A 58 -6.65 -19.10 -3.27
C GLU A 58 -6.00 -18.36 -4.43
N MET A 59 -6.10 -17.02 -4.39
CA MET A 59 -5.52 -16.17 -5.41
C MET A 59 -4.04 -16.48 -5.61
N HIS A 60 -3.28 -16.46 -4.51
CA HIS A 60 -1.83 -16.61 -4.61
C HIS A 60 -1.47 -18.03 -5.01
N ASP A 61 -2.35 -18.97 -4.70
CA ASP A 61 -2.17 -20.37 -5.03
C ASP A 61 -2.38 -20.59 -6.53
N ARG A 62 -3.50 -20.12 -7.07
CA ARG A 62 -3.84 -20.37 -8.46
C ARG A 62 -2.96 -19.58 -9.43
N HIS A 63 -2.34 -18.48 -8.99
CA HIS A 63 -1.37 -17.77 -9.82
C HIS A 63 0.04 -18.17 -9.41
N GLN A 64 0.18 -19.19 -8.56
CA GLN A 64 1.48 -19.83 -8.35
C GLN A 64 2.48 -18.75 -7.93
N THR A 65 2.05 -17.85 -7.03
CA THR A 65 2.91 -16.86 -6.42
C THR A 65 4.18 -17.57 -5.97
N HIS A 66 5.32 -16.93 -6.21
CA HIS A 66 6.62 -17.56 -6.14
C HIS A 66 7.23 -17.38 -4.75
N TYR A 67 6.79 -18.24 -3.84
CA TYR A 67 7.21 -18.23 -2.44
C TYR A 67 8.46 -19.08 -2.23
N LEU A 68 8.69 -20.08 -3.09
CA LEU A 68 9.82 -20.98 -2.94
C LEU A 68 10.76 -20.84 -4.12
N PRO A 69 12.08 -21.00 -3.91
CA PRO A 69 13.03 -20.86 -5.00
C PRO A 69 12.97 -22.06 -5.93
N LEU A 70 13.12 -21.78 -7.23
CA LEU A 70 13.48 -22.81 -8.21
C LEU A 70 14.88 -23.31 -7.86
N GLU A 71 15.14 -24.58 -8.18
CA GLU A 71 16.46 -25.16 -7.95
C GLU A 71 17.48 -24.31 -8.70
N GLY A 72 18.49 -23.82 -7.97
CA GLY A 72 19.58 -23.05 -8.56
C GLY A 72 19.29 -21.56 -8.72
N GLU A 73 18.08 -21.08 -8.43
CA GLU A 73 17.73 -19.67 -8.63
C GLU A 73 18.49 -18.81 -7.62
N SER A 74 19.12 -17.72 -8.06
CA SER A 74 19.73 -16.82 -7.10
C SER A 74 18.63 -16.20 -6.23
N TRP A 75 19.07 -15.65 -5.11
CA TRP A 75 18.14 -14.98 -4.23
C TRP A 75 17.65 -13.69 -4.88
N GLN A 76 18.43 -13.07 -5.77
CA GLN A 76 17.96 -11.86 -6.41
C GLN A 76 16.75 -12.20 -7.29
N ASP A 77 16.87 -13.29 -8.03
CA ASP A 77 15.83 -13.67 -8.96
C ASP A 77 14.61 -14.18 -8.22
N PHE A 78 14.86 -14.93 -7.15
CA PHE A 78 13.83 -15.35 -6.24
C PHE A 78 12.97 -14.16 -5.82
N LEU A 79 13.60 -13.10 -5.37
CA LEU A 79 12.84 -11.97 -4.86
C LEU A 79 12.13 -11.23 -5.99
N ARG A 80 12.80 -11.13 -7.13
CA ARG A 80 12.19 -10.61 -8.34
C ARG A 80 10.97 -11.42 -8.74
N ASN A 81 11.09 -12.75 -8.75
CA ASN A 81 9.95 -13.56 -9.16
C ASN A 81 8.85 -13.50 -8.11
N PHE A 82 9.23 -13.41 -6.83
CA PHE A 82 8.30 -13.24 -5.73
C PHE A 82 7.49 -11.97 -5.95
N ALA A 83 8.17 -10.84 -6.10
CA ALA A 83 7.51 -9.54 -6.32
C ALA A 83 6.61 -9.55 -7.54
N LYS A 84 7.12 -10.02 -8.68
CA LYS A 84 6.40 -9.91 -9.93
C LYS A 84 5.21 -10.83 -9.95
N SER A 85 5.40 -12.03 -9.39
CA SER A 85 4.34 -13.02 -9.38
C SER A 85 3.25 -12.58 -8.40
N MET A 86 3.66 -11.95 -7.29
CA MET A 86 2.71 -11.46 -6.31
C MET A 86 1.85 -10.41 -6.99
N ARG A 87 2.53 -9.49 -7.67
CA ARG A 87 1.84 -8.46 -8.42
C ARG A 87 0.86 -9.05 -9.43
N LEU A 88 1.26 -10.10 -10.16
CA LEU A 88 0.39 -10.79 -11.11
C LEU A 88 -0.91 -11.15 -10.39
N ALA A 89 -0.79 -11.88 -9.28
CA ALA A 89 -1.97 -12.33 -8.53
C ALA A 89 -2.86 -11.18 -8.05
N LEU A 90 -2.30 -10.05 -7.61
CA LEU A 90 -3.11 -8.96 -7.11
C LEU A 90 -3.86 -8.31 -8.27
N LEU A 91 -3.24 -8.26 -9.44
CA LEU A 91 -3.86 -7.58 -10.58
C LEU A 91 -4.92 -8.46 -11.25
N SER A 92 -4.92 -9.77 -10.97
CA SER A 92 -5.77 -10.70 -11.70
C SER A 92 -7.18 -10.72 -11.14
N HIS A 93 -7.42 -9.99 -10.06
CA HIS A 93 -8.73 -10.04 -9.42
C HIS A 93 -9.11 -8.64 -8.98
N ARG A 94 -10.38 -8.28 -9.15
CA ARG A 94 -10.81 -6.97 -8.74
C ARG A 94 -10.50 -6.81 -7.26
N ASP A 95 -9.86 -5.68 -6.90
CA ASP A 95 -9.49 -5.35 -5.54
C ASP A 95 -8.61 -6.45 -4.96
N GLY A 96 -7.81 -7.09 -5.80
CA GLY A 96 -6.99 -8.19 -5.30
C GLY A 96 -6.04 -7.77 -4.18
N ALA A 97 -5.47 -6.57 -4.28
CA ALA A 97 -4.46 -6.12 -3.33
C ALA A 97 -5.11 -5.73 -2.01
N LYS A 98 -6.32 -5.17 -2.06
CA LYS A 98 -7.10 -4.87 -0.87
C LYS A 98 -7.39 -6.14 -0.13
N VAL A 99 -7.79 -7.17 -0.87
CA VAL A 99 -8.06 -8.46 -0.28
C VAL A 99 -6.80 -9.00 0.40
N SER A 100 -5.67 -8.80 -0.26
CA SER A 100 -4.41 -9.37 0.18
C SER A 100 -3.80 -8.61 1.36
N LEU A 101 -4.16 -7.33 1.49
CA LEU A 101 -3.48 -6.39 2.37
C LEU A 101 -3.43 -6.90 3.81
N GLY A 102 -4.55 -7.36 4.33
CA GLY A 102 -4.63 -7.74 5.74
C GLY A 102 -4.36 -9.21 6.03
N THR A 103 -3.67 -9.95 5.15
CA THR A 103 -3.47 -11.37 5.39
C THR A 103 -2.16 -11.57 6.14
N ARG A 104 -2.03 -12.76 6.73
CA ARG A 104 -0.79 -13.29 7.26
C ARG A 104 -0.72 -14.77 6.88
N TRP A 105 0.44 -15.37 7.06
CA TRP A 105 0.62 -16.80 6.88
C TRP A 105 -0.38 -17.53 7.77
N THR A 106 -1.12 -18.49 7.17
CA THR A 106 -1.85 -19.49 7.95
C THR A 106 -0.92 -20.66 8.28
N GLU A 107 -1.37 -21.53 9.21
CA GLU A 107 -0.63 -22.70 9.68
C GLU A 107 -0.34 -23.68 8.55
N GLN A 108 -1.22 -23.73 7.55
CA GLN A 108 -1.04 -24.63 6.42
C GLN A 108 0.14 -24.15 5.59
N GLN A 109 0.47 -22.86 5.69
CA GLN A 109 1.57 -22.32 4.89
C GLN A 109 2.86 -22.20 5.67
N TYR A 110 2.87 -22.63 6.93
CA TYR A 110 4.02 -22.40 7.79
C TYR A 110 5.26 -23.02 7.17
N GLU A 111 5.09 -24.17 6.51
CA GLU A 111 6.22 -24.87 5.89
C GLU A 111 6.79 -24.02 4.76
N THR A 112 5.91 -23.54 3.88
CA THR A 112 6.34 -22.61 2.85
C THR A 112 7.04 -21.43 3.50
N ALA A 113 6.39 -20.81 4.48
CA ALA A 113 6.87 -19.57 5.09
C ALA A 113 8.27 -19.77 5.66
N GLU A 114 8.50 -20.92 6.31
CA GLU A 114 9.78 -21.23 6.96
C GLU A 114 10.86 -21.52 5.92
N ASN A 115 10.52 -22.24 4.85
CA ASN A 115 11.50 -22.54 3.82
C ASN A 115 11.94 -21.25 3.12
N MET A 116 11.04 -20.28 3.07
CA MET A 116 11.36 -19.01 2.44
C MET A 116 12.46 -18.34 3.25
N LEU A 117 12.26 -18.26 4.56
CA LEU A 117 13.25 -17.65 5.43
C LEU A 117 14.52 -18.50 5.44
N ALA A 118 14.36 -19.84 5.41
CA ALA A 118 15.53 -20.70 5.49
C ALA A 118 16.41 -20.47 4.26
N PHE A 119 15.76 -20.43 3.10
CA PHE A 119 16.46 -20.15 1.85
C PHE A 119 17.27 -18.85 1.93
N LEU A 120 16.66 -17.77 2.46
CA LEU A 120 17.36 -16.48 2.48
C LEU A 120 18.51 -16.52 3.48
N THR A 121 18.37 -17.26 4.59
CA THR A 121 19.41 -17.29 5.61
C THR A 121 20.61 -18.11 5.10
N GLN A 122 20.33 -19.14 4.32
CA GLN A 122 21.38 -19.93 3.72
C GLN A 122 22.23 -19.11 2.73
N GLN A 123 21.71 -17.98 2.22
CA GLN A 123 22.50 -17.10 1.36
C GLN A 123 23.35 -16.12 2.16
N GLY A 124 23.22 -16.14 3.50
CA GLY A 124 24.06 -15.33 4.37
C GLY A 124 23.34 -14.08 4.89
N PHE A 125 22.05 -13.97 4.64
CA PHE A 125 21.29 -12.96 5.35
C PHE A 125 21.00 -13.51 6.74
N SER A 126 21.21 -12.67 7.75
CA SER A 126 20.60 -12.83 9.06
C SER A 126 19.09 -12.99 8.87
N LEU A 127 18.45 -13.73 9.78
CA LEU A 127 17.00 -13.86 9.87
C LEU A 127 16.31 -12.49 9.82
N GLU A 128 16.89 -11.53 10.56
CA GLU A 128 16.36 -10.17 10.63
C GLU A 128 16.27 -9.61 9.20
N ASN A 129 17.40 -9.61 8.49
CA ASN A 129 17.44 -9.07 7.13
C ASN A 129 16.53 -9.84 6.16
N ALA A 130 16.51 -11.16 6.26
CA ALA A 130 15.60 -11.97 5.47
C ALA A 130 14.13 -11.54 5.70
N LEU A 131 13.78 -11.22 6.95
CA LEU A 131 12.40 -10.91 7.25
C LEU A 131 12.09 -9.59 6.60
N TYR A 132 13.00 -8.62 6.80
CA TYR A 132 12.75 -7.27 6.36
C TYR A 132 12.80 -7.18 4.84
N ALA A 133 13.69 -7.99 4.23
CA ALA A 133 13.79 -8.13 2.80
C ALA A 133 12.42 -8.49 2.25
N THR A 134 11.85 -9.58 2.74
CA THR A 134 10.60 -10.05 2.19
C THR A 134 9.49 -9.03 2.46
N ASP A 135 9.49 -8.39 3.64
CA ASP A 135 8.41 -7.46 3.96
C ASP A 135 8.53 -6.23 3.09
N ALA A 136 9.77 -5.80 2.85
CA ALA A 136 10.03 -4.66 2.01
C ALA A 136 9.44 -4.90 0.62
N VAL A 137 9.72 -6.08 0.06
CA VAL A 137 9.25 -6.41 -1.28
C VAL A 137 7.74 -6.52 -1.29
N ARG A 138 7.21 -7.10 -0.21
CA ARG A 138 5.78 -7.31 -0.11
C ARG A 138 5.06 -5.98 0.02
N VAL A 139 5.58 -5.05 0.82
CA VAL A 139 4.77 -3.85 1.00
C VAL A 139 4.95 -2.92 -0.21
N PHE A 140 6.15 -2.88 -0.78
CA PHE A 140 6.37 -2.16 -2.02
C PHE A 140 5.41 -2.65 -3.11
N THR A 141 5.26 -3.96 -3.25
CA THR A 141 4.38 -4.49 -4.26
C THR A 141 2.93 -4.12 -3.97
N LEU A 142 2.49 -4.38 -2.75
CA LEU A 142 1.12 -4.08 -2.38
C LEU A 142 0.85 -2.61 -2.65
N GLY A 143 1.76 -1.77 -2.19
CA GLY A 143 1.59 -0.33 -2.30
C GLY A 143 1.55 0.16 -3.75
N ALA A 144 2.39 -0.42 -4.61
CA ALA A 144 2.41 -0.10 -6.04
C ALA A 144 1.07 -0.41 -6.73
N VAL A 145 0.47 -1.56 -6.46
CA VAL A 145 -0.80 -1.89 -7.07
C VAL A 145 -1.93 -1.06 -6.45
N LEU A 146 -1.98 -0.94 -5.13
CA LEU A 146 -3.02 -0.17 -4.47
C LEU A 146 -2.99 1.27 -4.96
N LEU A 147 -1.79 1.84 -5.05
CA LEU A 147 -1.65 3.20 -5.56
C LEU A 147 -2.26 3.33 -6.95
N ASP A 148 -1.86 2.44 -7.86
CA ASP A 148 -2.20 2.59 -9.26
C ASP A 148 -3.70 2.39 -9.42
N GLN A 149 -4.25 1.37 -8.78
CA GLN A 149 -5.70 1.23 -8.78
C GLN A 149 -6.38 2.52 -8.31
N GLU A 150 -6.11 2.93 -7.06
CA GLU A 150 -6.78 4.07 -6.48
C GLU A 150 -6.70 5.30 -7.38
N GLN A 151 -5.53 5.58 -7.96
CA GLN A 151 -5.37 6.76 -8.81
C GLN A 151 -6.34 6.75 -10.01
N GLN A 152 -6.58 5.59 -10.64
CA GLN A 152 -7.47 5.54 -11.80
C GLN A 152 -8.92 5.78 -11.36
N VAL A 153 -9.32 5.19 -10.23
CA VAL A 153 -10.63 5.43 -9.66
C VAL A 153 -10.79 6.92 -9.38
N ALA A 154 -9.77 7.52 -8.77
CA ALA A 154 -9.83 8.91 -8.33
C ALA A 154 -10.02 9.87 -9.50
N LYS A 155 -9.30 9.65 -10.61
CA LYS A 155 -9.35 10.60 -11.72
C LYS A 155 -10.77 10.66 -12.29
N GLU A 156 -11.52 9.55 -12.23
CA GLU A 156 -12.92 9.55 -12.64
C GLU A 156 -13.78 10.49 -11.79
N GLU A 157 -13.43 10.72 -10.51
CA GLU A 157 -14.30 11.43 -9.55
C GLU A 157 -13.91 12.90 -9.44
N ARG A 158 -13.07 13.38 -10.36
CA ARG A 158 -12.44 14.67 -10.21
C ARG A 158 -12.44 15.35 -11.57
N GLU A 159 -12.39 16.69 -11.62
CA GLU A 159 -12.13 17.39 -12.86
C GLU A 159 -10.76 16.95 -13.42
N THR A 160 -10.56 17.08 -14.73
CA THR A 160 -9.32 16.62 -15.38
C THR A 160 -8.41 17.84 -15.57
N PRO A 161 -7.15 17.81 -15.08
CA PRO A 161 -6.29 18.99 -15.15
C PRO A 161 -5.80 19.15 -16.58
N THR A 162 -5.58 20.41 -16.97
CA THR A 162 -5.02 20.72 -18.27
C THR A 162 -3.50 20.50 -18.25
N PRO A 163 -2.97 19.50 -19.00
CA PRO A 163 -1.54 19.29 -19.03
C PRO A 163 -0.69 20.54 -19.18
N ASP A 164 -1.11 21.50 -20.02
CA ASP A 164 -0.32 22.68 -20.35
C ASP A 164 -0.20 23.62 -19.14
N SER A 165 -1.10 23.47 -18.17
CA SER A 165 -1.02 24.24 -16.95
C SER A 165 0.04 23.66 -16.00
N MET A 166 0.69 22.56 -16.39
CA MET A 166 1.77 22.03 -15.57
C MET A 166 3.10 22.60 -16.00
N PRO A 167 4.02 22.81 -15.03
CA PRO A 167 5.38 23.23 -15.38
C PRO A 167 6.12 22.09 -16.07
N PRO A 168 7.29 22.38 -16.71
CA PRO A 168 7.91 21.48 -17.65
C PRO A 168 8.19 20.08 -17.10
N LEU A 169 8.91 20.05 -15.97
CA LEU A 169 9.45 18.79 -15.47
C LEU A 169 8.31 17.90 -14.98
N LEU A 170 7.32 18.53 -14.38
CA LEU A 170 6.14 17.83 -13.95
C LEU A 170 5.30 17.38 -15.14
N ARG A 171 5.26 18.20 -16.19
CA ARG A 171 4.60 17.82 -17.43
C ARG A 171 5.24 16.55 -17.99
N GLN A 172 6.56 16.53 -18.07
CA GLN A 172 7.26 15.36 -18.61
C GLN A 172 7.05 14.12 -17.73
N ALA A 173 6.87 14.33 -16.42
CA ALA A 173 6.72 13.21 -15.52
C ALA A 173 5.33 12.61 -15.73
N TRP A 174 4.36 13.51 -15.89
CA TRP A 174 3.01 13.09 -16.25
C TRP A 174 2.95 12.32 -17.58
N GLU A 175 3.76 12.74 -18.56
CA GLU A 175 3.74 12.16 -19.88
C GLU A 175 4.26 10.73 -19.77
N LEU A 176 5.42 10.59 -19.11
CA LEU A 176 6.01 9.28 -18.86
C LEU A 176 4.99 8.35 -18.21
N LYS A 177 4.21 8.88 -17.28
CA LYS A 177 3.31 8.02 -16.53
C LYS A 177 2.15 7.57 -17.41
N VAL A 178 1.54 8.50 -18.13
CA VAL A 178 0.36 8.16 -18.92
C VAL A 178 0.70 7.18 -20.06
N HIS A 179 1.88 7.35 -20.67
CA HIS A 179 2.23 6.61 -21.87
C HIS A 179 2.97 5.30 -21.57
N GLN A 180 3.63 5.17 -20.40
CA GLN A 180 4.39 3.97 -20.09
C GLN A 180 3.55 2.98 -19.31
N GLY A 181 2.56 3.48 -18.57
CA GLY A 181 1.81 2.64 -17.63
C GLY A 181 2.55 2.49 -16.29
N ALA A 182 2.08 1.56 -15.47
CA ALA A 182 2.50 1.40 -14.09
C ALA A 182 3.74 0.48 -13.95
N GLU A 183 4.06 -0.33 -14.98
CA GLU A 183 5.03 -1.38 -14.76
C GLU A 183 6.44 -0.80 -14.56
N PRO A 184 6.91 0.17 -15.36
CA PRO A 184 8.32 0.59 -15.21
C PRO A 184 8.71 1.11 -13.81
N ALA A 185 7.87 1.96 -13.19
CA ALA A 185 8.03 2.41 -11.81
C ALA A 185 8.17 1.24 -10.84
N PHE A 186 7.31 0.24 -10.99
CA PHE A 186 7.35 -0.94 -10.16
C PHE A 186 8.69 -1.66 -10.35
N LEU A 187 9.13 -1.87 -11.60
CA LEU A 187 10.32 -2.69 -11.81
C LEU A 187 11.55 -1.91 -11.33
N PHE A 188 11.46 -0.58 -11.43
CA PHE A 188 12.56 0.27 -11.02
C PHE A 188 12.71 0.24 -9.52
N GLY A 189 11.60 0.33 -8.78
CA GLY A 189 11.65 0.29 -7.33
C GLY A 189 12.11 -1.08 -6.82
N LEU A 190 11.62 -2.13 -7.48
CA LEU A 190 12.02 -3.49 -7.14
C LEU A 190 13.55 -3.63 -7.24
N GLU A 191 14.14 -3.01 -8.28
CA GLU A 191 15.58 -3.11 -8.52
C GLU A 191 16.38 -2.33 -7.50
N LEU A 192 15.85 -1.19 -7.04
CA LEU A 192 16.50 -0.41 -5.98
C LEU A 192 16.60 -1.24 -4.72
N ILE A 193 15.55 -2.00 -4.40
CA ILE A 193 15.52 -2.86 -3.22
C ILE A 193 16.53 -4.00 -3.35
N ILE A 194 16.54 -4.73 -4.47
CA ILE A 194 17.51 -5.78 -4.70
C ILE A 194 18.90 -5.18 -4.55
N ALA A 195 19.17 -4.05 -5.21
CA ALA A 195 20.49 -3.42 -5.15
C ALA A 195 20.86 -3.04 -3.71
N GLY A 196 19.90 -2.56 -2.93
CA GLY A 196 20.14 -2.26 -1.53
C GLY A 196 20.50 -3.53 -0.76
N LEU A 197 19.74 -4.60 -1.00
CA LEU A 197 19.98 -5.90 -0.40
C LEU A 197 21.36 -6.44 -0.78
N GLU A 198 21.82 -6.25 -2.03
CA GLU A 198 23.16 -6.70 -2.36
C GLU A 198 24.19 -6.05 -1.44
N LYS A 199 24.11 -4.73 -1.28
CA LYS A 199 25.03 -4.00 -0.42
C LYS A 199 25.03 -4.56 1.01
N GLN A 200 23.84 -4.78 1.60
CA GLN A 200 23.73 -5.29 2.96
C GLN A 200 24.51 -6.57 3.15
N LEU A 201 24.35 -7.52 2.22
CA LEU A 201 24.94 -8.85 2.32
C LEU A 201 26.49 -8.86 2.42
N LEU B 4 -19.48 29.11 9.03
CA LEU B 4 -18.79 27.88 8.56
C LEU B 4 -17.62 28.27 7.64
N ASP B 5 -16.39 28.07 8.13
CA ASP B 5 -15.22 28.24 7.29
C ASP B 5 -14.58 26.88 6.99
N LYS B 6 -13.75 26.87 5.93
CA LYS B 6 -13.10 25.68 5.42
C LYS B 6 -12.40 24.94 6.55
N SER B 7 -11.71 25.69 7.40
CA SER B 7 -10.86 25.03 8.37
C SER B 7 -11.74 24.34 9.40
N LYS B 8 -12.97 24.82 9.57
CA LYS B 8 -13.91 24.21 10.51
C LYS B 8 -14.42 22.90 9.93
N VAL B 9 -14.73 22.94 8.62
CA VAL B 9 -15.17 21.75 7.90
C VAL B 9 -14.11 20.65 8.03
N ILE B 10 -12.86 21.00 7.73
CA ILE B 10 -11.78 20.04 7.64
C ILE B 10 -11.50 19.45 9.01
N ASN B 11 -11.43 20.28 10.04
CA ASN B 11 -11.21 19.81 11.40
C ASN B 11 -12.33 18.89 11.86
N SER B 12 -13.55 19.25 11.50
CA SER B 12 -14.68 18.40 11.80
C SER B 12 -14.59 17.12 10.97
N ALA B 13 -14.16 17.22 9.71
CA ALA B 13 -14.08 16.02 8.87
C ALA B 13 -13.05 15.00 9.42
N LEU B 14 -11.96 15.50 10.01
CA LEU B 14 -10.89 14.65 10.52
C LEU B 14 -11.31 13.89 11.77
N GLU B 15 -12.14 14.54 12.59
CA GLU B 15 -12.70 13.91 13.78
C GLU B 15 -13.66 12.82 13.29
N LEU B 16 -14.42 13.15 12.25
CA LEU B 16 -15.37 12.20 11.71
C LEU B 16 -14.63 10.99 11.15
N LEU B 17 -13.55 11.22 10.40
CA LEU B 17 -12.75 10.13 9.87
C LEU B 17 -12.32 9.22 11.02
N ASN B 18 -11.86 9.77 12.13
CA ASN B 18 -11.51 8.93 13.27
C ASN B 18 -12.72 8.12 13.77
N GLU B 19 -13.90 8.74 13.83
CA GLU B 19 -15.08 8.11 14.39
C GLU B 19 -15.58 6.97 13.51
N VAL B 20 -15.61 7.13 12.19
CA VAL B 20 -16.28 6.16 11.34
C VAL B 20 -15.35 5.53 10.30
N GLY B 21 -14.12 6.03 10.11
CA GLY B 21 -13.19 5.52 9.10
C GLY B 21 -13.55 5.97 7.69
N ILE B 22 -12.72 5.60 6.70
CA ILE B 22 -12.82 6.18 5.37
C ILE B 22 -14.07 5.70 4.63
N GLU B 23 -14.52 4.47 4.89
CA GLU B 23 -15.65 3.87 4.22
C GLU B 23 -16.94 4.49 4.78
N GLY B 24 -16.93 4.81 6.09
CA GLY B 24 -18.08 5.40 6.74
C GLY B 24 -18.32 6.85 6.35
N LEU B 25 -17.25 7.54 5.93
CA LEU B 25 -17.22 8.98 5.70
C LEU B 25 -18.12 9.39 4.53
N THR B 26 -19.07 10.31 4.75
CA THR B 26 -19.89 10.80 3.67
C THR B 26 -20.08 12.29 3.90
N THR B 27 -20.41 13.04 2.85
CA THR B 27 -20.69 14.46 3.01
C THR B 27 -21.96 14.59 3.87
N ARG B 28 -22.94 13.73 3.58
CA ARG B 28 -24.16 13.66 4.40
C ARG B 28 -23.82 13.60 5.89
N LYS B 29 -22.90 12.73 6.32
CA LYS B 29 -22.60 12.66 7.75
C LYS B 29 -21.85 13.90 8.20
N LEU B 30 -21.02 14.46 7.32
CA LEU B 30 -20.21 15.62 7.67
C LEU B 30 -21.14 16.83 7.85
N ALA B 31 -22.09 17.00 6.91
CA ALA B 31 -23.17 17.96 7.07
C ALA B 31 -23.85 17.80 8.42
N GLN B 32 -24.27 16.58 8.76
CA GLN B 32 -24.97 16.30 10.01
C GLN B 32 -24.08 16.62 11.19
N LYS B 33 -22.80 16.25 11.10
CA LYS B 33 -21.89 16.59 12.19
C LYS B 33 -21.77 18.11 12.36
N LEU B 34 -21.70 18.86 11.25
CA LEU B 34 -21.41 20.29 11.31
C LEU B 34 -22.62 21.08 11.84
N GLY B 35 -23.79 20.44 11.77
CA GLY B 35 -25.04 21.04 12.17
C GLY B 35 -25.47 22.05 11.12
N VAL B 36 -25.42 21.63 9.86
CA VAL B 36 -25.68 22.53 8.76
C VAL B 36 -26.39 21.70 7.69
N GLU B 37 -26.91 22.39 6.68
CA GLU B 37 -27.64 21.78 5.59
C GLU B 37 -26.64 21.24 4.58
N GLN B 38 -27.11 20.29 3.75
CA GLN B 38 -26.36 19.75 2.62
C GLN B 38 -25.76 20.89 1.77
N PRO B 39 -26.57 21.86 1.28
CA PRO B 39 -26.11 22.81 0.27
C PRO B 39 -25.01 23.77 0.75
N THR B 40 -25.03 24.06 2.05
CA THR B 40 -24.02 24.89 2.71
C THR B 40 -22.64 24.21 2.69
N LEU B 41 -22.61 22.89 2.91
CA LEU B 41 -21.36 22.13 2.90
C LEU B 41 -20.81 22.04 1.47
N TYR B 42 -21.68 21.79 0.51
CA TYR B 42 -21.30 21.58 -0.89
C TYR B 42 -20.27 22.57 -1.47
N TRP B 43 -20.34 23.85 -1.08
CA TRP B 43 -19.46 24.90 -1.58
C TRP B 43 -18.06 24.69 -1.05
N HIS B 44 -17.96 24.11 0.15
CA HIS B 44 -16.68 23.78 0.74
C HIS B 44 -16.15 22.49 0.12
N VAL B 45 -17.01 21.48 -0.01
CA VAL B 45 -16.61 20.19 -0.55
C VAL B 45 -17.79 19.56 -1.33
N LYS B 46 -17.53 19.34 -2.62
CA LYS B 46 -18.55 19.06 -3.60
C LYS B 46 -18.93 17.58 -3.62
N ASN B 47 -18.08 16.72 -3.04
CA ASN B 47 -18.30 15.27 -3.06
C ASN B 47 -17.26 14.57 -2.20
N LYS B 48 -17.36 13.24 -2.09
CA LYS B 48 -16.45 12.50 -1.22
C LYS B 48 -14.99 12.67 -1.66
N ARG B 49 -14.75 12.65 -2.97
CA ARG B 49 -13.42 12.73 -3.51
C ARG B 49 -12.76 14.04 -3.09
N ALA B 50 -13.46 15.17 -3.25
CA ALA B 50 -12.94 16.46 -2.83
C ALA B 50 -12.69 16.44 -1.33
N LEU B 51 -13.58 15.78 -0.58
CA LEU B 51 -13.41 15.74 0.86
C LEU B 51 -12.11 15.00 1.19
N LEU B 52 -11.82 13.90 0.46
CA LEU B 52 -10.61 13.13 0.70
C LEU B 52 -9.39 13.95 0.30
N ASP B 53 -9.52 14.67 -0.82
CA ASP B 53 -8.41 15.51 -1.29
C ASP B 53 -8.06 16.53 -0.22
N ALA B 54 -9.06 17.19 0.34
CA ALA B 54 -8.82 18.24 1.31
C ALA B 54 -8.27 17.63 2.62
N LEU B 55 -8.75 16.44 2.99
CA LEU B 55 -8.30 15.85 4.24
C LEU B 55 -6.80 15.55 4.12
N ALA B 56 -6.39 15.07 2.95
CA ALA B 56 -5.01 14.68 2.71
C ALA B 56 -4.14 15.91 2.65
N ILE B 57 -4.63 16.99 2.03
CA ILE B 57 -3.86 18.22 2.08
C ILE B 57 -3.65 18.65 3.53
N GLU B 58 -4.71 18.62 4.34
CA GLU B 58 -4.56 19.06 5.71
C GLU B 58 -3.55 18.19 6.48
N MET B 59 -3.68 16.87 6.43
CA MET B 59 -2.75 16.01 7.14
C MET B 59 -1.30 16.29 6.75
N HIS B 60 -1.00 16.36 5.43
CA HIS B 60 0.37 16.61 5.02
C HIS B 60 0.82 18.01 5.47
N ASP B 61 -0.12 18.97 5.50
CA ASP B 61 0.23 20.33 5.88
C ASP B 61 0.52 20.40 7.38
N ARG B 62 -0.34 19.79 8.18
CA ARG B 62 -0.28 19.88 9.64
C ARG B 62 0.99 19.20 10.17
N HIS B 63 1.40 18.11 9.52
CA HIS B 63 2.54 17.32 9.91
C HIS B 63 3.71 17.60 8.97
N GLN B 64 3.64 18.72 8.25
CA GLN B 64 4.81 19.25 7.55
C GLN B 64 5.53 18.16 6.77
N THR B 65 4.80 17.48 5.91
CA THR B 65 5.43 16.47 5.06
C THR B 65 6.48 17.21 4.24
N HIS B 66 7.65 16.61 4.17
CA HIS B 66 8.87 17.29 3.76
C HIS B 66 9.01 17.12 2.25
N TYR B 67 8.41 18.02 1.48
CA TYR B 67 8.40 17.94 0.02
C TYR B 67 9.61 18.60 -0.63
N LEU B 68 10.27 19.53 0.08
CA LEU B 68 11.42 20.26 -0.41
C LEU B 68 12.61 20.11 0.53
N PRO B 69 13.84 20.09 -0.03
CA PRO B 69 15.05 19.96 0.78
C PRO B 69 15.23 21.29 1.49
N LEU B 70 15.78 21.22 2.71
CA LEU B 70 16.34 22.39 3.38
C LEU B 70 17.71 22.70 2.79
N GLU B 71 18.14 23.97 2.89
CA GLU B 71 19.49 24.39 2.54
C GLU B 71 20.51 23.40 3.11
N GLY B 72 21.39 22.94 2.21
CA GLY B 72 22.52 22.09 2.56
C GLY B 72 22.15 20.62 2.70
N GLU B 73 20.86 20.26 2.64
CA GLU B 73 20.47 18.87 2.82
C GLU B 73 20.86 18.07 1.56
N SER B 74 21.58 16.96 1.76
CA SER B 74 21.81 16.01 0.70
C SER B 74 20.48 15.49 0.14
N TRP B 75 20.53 14.92 -1.06
CA TRP B 75 19.34 14.32 -1.65
C TRP B 75 18.91 13.06 -0.88
N GLN B 76 19.87 12.34 -0.31
CA GLN B 76 19.55 11.18 0.51
C GLN B 76 18.78 11.55 1.76
N ASP B 77 19.23 12.59 2.45
CA ASP B 77 18.58 12.97 3.70
C ASP B 77 17.18 13.49 3.37
N PHE B 78 17.10 14.21 2.25
CA PHE B 78 15.86 14.73 1.74
C PHE B 78 14.83 13.61 1.56
N LEU B 79 15.22 12.53 0.87
CA LEU B 79 14.27 11.45 0.62
C LEU B 79 13.91 10.72 1.92
N ARG B 80 14.92 10.55 2.76
CA ARG B 80 14.79 9.99 4.08
C ARG B 80 13.73 10.75 4.86
N ASN B 81 13.77 12.10 4.82
CA ASN B 81 12.87 12.93 5.60
C ASN B 81 11.49 13.03 4.96
N PHE B 82 11.43 12.91 3.63
CA PHE B 82 10.14 12.88 2.95
C PHE B 82 9.35 11.65 3.41
N ALA B 83 10.01 10.50 3.44
CA ALA B 83 9.40 9.25 3.85
C ALA B 83 9.01 9.29 5.32
N LYS B 84 9.98 9.68 6.16
CA LYS B 84 9.77 9.65 7.60
C LYS B 84 8.61 10.57 7.99
N SER B 85 8.48 11.73 7.34
CA SER B 85 7.46 12.70 7.72
C SER B 85 6.12 12.29 7.14
N MET B 86 6.15 11.78 5.91
CA MET B 86 4.94 11.26 5.29
C MET B 86 4.36 10.13 6.13
N ARG B 87 5.24 9.25 6.64
CA ARG B 87 4.82 8.15 7.47
C ARG B 87 4.04 8.69 8.66
N LEU B 88 4.52 9.74 9.33
CA LEU B 88 3.83 10.23 10.52
C LEU B 88 2.49 10.80 10.12
N ALA B 89 2.51 11.58 9.04
CA ALA B 89 1.30 12.23 8.58
C ALA B 89 0.23 11.18 8.31
N LEU B 90 0.59 10.07 7.65
CA LEU B 90 -0.42 9.09 7.32
C LEU B 90 -0.89 8.41 8.60
N LEU B 91 0.02 8.24 9.56
CA LEU B 91 -0.30 7.60 10.83
C LEU B 91 -1.14 8.55 11.71
N SER B 92 -1.20 9.83 11.35
CA SER B 92 -1.87 10.83 12.17
C SER B 92 -3.34 10.52 12.39
N HIS B 93 -3.97 9.78 11.45
CA HIS B 93 -5.41 9.60 11.47
C HIS B 93 -5.76 8.17 11.02
N ARG B 94 -6.92 7.74 11.47
CA ARG B 94 -7.51 6.51 11.02
C ARG B 94 -7.68 6.52 9.50
N ASP B 95 -7.15 5.46 8.86
CA ASP B 95 -7.17 5.24 7.43
C ASP B 95 -6.44 6.38 6.74
N GLY B 96 -5.47 6.98 7.42
CA GLY B 96 -4.74 8.11 6.85
C GLY B 96 -4.06 7.77 5.51
N ALA B 97 -3.58 6.53 5.39
CA ALA B 97 -2.93 6.09 4.17
C ALA B 97 -3.92 5.89 3.02
N LYS B 98 -5.04 5.21 3.30
CA LYS B 98 -6.11 5.10 2.32
C LYS B 98 -6.63 6.45 1.84
N VAL B 99 -6.69 7.46 2.71
CA VAL B 99 -7.17 8.79 2.35
C VAL B 99 -6.17 9.46 1.43
N SER B 100 -4.86 9.26 1.68
CA SER B 100 -3.81 9.83 0.84
C SER B 100 -3.70 9.13 -0.50
N LEU B 101 -4.04 7.85 -0.52
CA LEU B 101 -3.75 6.97 -1.65
C LEU B 101 -4.16 7.60 -2.99
N GLY B 102 -5.29 8.30 -3.00
CA GLY B 102 -5.90 8.71 -4.26
C GLY B 102 -5.57 10.15 -4.67
N THR B 103 -4.70 10.82 -3.92
CA THR B 103 -4.51 12.25 -4.12
C THR B 103 -3.55 12.44 -5.30
N ARG B 104 -3.39 13.69 -5.71
CA ARG B 104 -2.41 14.10 -6.70
C ARG B 104 -2.09 15.55 -6.36
N TRP B 105 -0.95 16.03 -6.88
CA TRP B 105 -0.57 17.42 -6.77
C TRP B 105 -1.72 18.30 -7.25
N THR B 106 -2.18 19.22 -6.40
CA THR B 106 -3.02 20.33 -6.80
C THR B 106 -2.17 21.33 -7.57
N GLU B 107 -2.86 22.18 -8.36
CA GLU B 107 -2.29 23.33 -9.06
C GLU B 107 -1.45 24.18 -8.12
N GLN B 108 -2.00 24.44 -6.93
CA GLN B 108 -1.32 25.29 -5.97
C GLN B 108 0.02 24.70 -5.52
N GLN B 109 0.19 23.37 -5.65
CA GLN B 109 1.42 22.70 -5.25
C GLN B 109 2.34 22.39 -6.44
N TYR B 110 2.01 22.84 -7.65
CA TYR B 110 2.86 22.56 -8.81
C TYR B 110 4.31 23.04 -8.67
N GLU B 111 4.53 24.23 -8.09
CA GLU B 111 5.86 24.77 -7.85
C GLU B 111 6.67 23.89 -6.90
N THR B 112 6.02 23.39 -5.85
CA THR B 112 6.65 22.45 -4.93
C THR B 112 7.06 21.19 -5.71
N ALA B 113 6.10 20.67 -6.47
CA ALA B 113 6.27 19.45 -7.24
C ALA B 113 7.45 19.59 -8.20
N GLU B 114 7.54 20.73 -8.88
CA GLU B 114 8.63 21.00 -9.81
C GLU B 114 9.97 21.16 -9.11
N ASN B 115 10.00 21.80 -7.94
CA ASN B 115 11.23 21.96 -7.17
C ASN B 115 11.71 20.59 -6.71
N MET B 116 10.79 19.74 -6.26
CA MET B 116 11.17 18.38 -5.90
C MET B 116 11.88 17.70 -7.08
N LEU B 117 11.31 17.74 -8.28
CA LEU B 117 12.00 17.08 -9.38
C LEU B 117 13.29 17.79 -9.82
N ALA B 118 13.30 19.13 -9.81
CA ALA B 118 14.48 19.90 -10.22
C ALA B 118 15.65 19.59 -9.28
N PHE B 119 15.34 19.58 -7.98
CA PHE B 119 16.34 19.26 -6.98
C PHE B 119 16.99 17.92 -7.32
N LEU B 120 16.20 16.90 -7.63
CA LEU B 120 16.77 15.59 -7.92
C LEU B 120 17.56 15.56 -9.23
N THR B 121 17.07 16.28 -10.25
CA THR B 121 17.76 16.26 -11.53
C THR B 121 19.07 17.03 -11.41
N GLN B 122 19.14 18.02 -10.52
CA GLN B 122 20.36 18.77 -10.27
C GLN B 122 21.42 17.89 -9.60
N GLN B 123 21.05 16.74 -8.99
CA GLN B 123 22.05 15.83 -8.45
C GLN B 123 22.65 14.93 -9.54
N GLY B 124 22.03 14.85 -10.72
CA GLY B 124 22.56 14.06 -11.82
C GLY B 124 21.60 12.96 -12.26
N PHE B 125 20.47 12.85 -11.57
CA PHE B 125 19.45 11.92 -12.03
C PHE B 125 18.78 12.44 -13.29
N SER B 126 18.46 11.55 -14.22
CA SER B 126 17.55 11.93 -15.29
C SER B 126 16.17 12.22 -14.68
N LEU B 127 15.32 12.91 -15.45
CA LEU B 127 13.99 13.22 -14.99
C LEU B 127 13.24 11.92 -14.63
N GLU B 128 13.33 10.94 -15.51
CA GLU B 128 12.61 9.69 -15.37
C GLU B 128 12.99 9.04 -14.02
N ASN B 129 14.30 8.88 -13.79
CA ASN B 129 14.76 8.33 -12.53
C ASN B 129 14.32 9.15 -11.30
N ALA B 130 14.30 10.49 -11.41
CA ALA B 130 13.88 11.35 -10.31
C ALA B 130 12.42 11.05 -9.96
N LEU B 131 11.61 10.87 -11.02
CA LEU B 131 10.21 10.53 -10.84
C LEU B 131 10.09 9.19 -10.12
N TYR B 132 10.84 8.20 -10.61
CA TYR B 132 10.63 6.84 -10.16
C TYR B 132 11.22 6.73 -8.74
N ALA B 133 12.22 7.54 -8.44
CA ALA B 133 12.80 7.67 -7.11
C ALA B 133 11.78 8.20 -6.11
N THR B 134 11.11 9.26 -6.53
CA THR B 134 10.06 9.87 -5.72
C THR B 134 8.95 8.86 -5.48
N ASP B 135 8.57 8.12 -6.52
CA ASP B 135 7.43 7.22 -6.42
C ASP B 135 7.84 5.99 -5.62
N ALA B 136 9.09 5.55 -5.76
CA ALA B 136 9.60 4.43 -4.99
C ALA B 136 9.39 4.69 -3.50
N VAL B 137 9.72 5.91 -3.06
CA VAL B 137 9.67 6.25 -1.64
C VAL B 137 8.22 6.43 -1.19
N ARG B 138 7.42 7.10 -2.01
CA ARG B 138 6.01 7.29 -1.73
C ARG B 138 5.35 5.93 -1.53
N VAL B 139 5.62 5.02 -2.47
CA VAL B 139 4.89 3.78 -2.59
C VAL B 139 5.26 2.90 -1.41
N PHE B 140 6.54 2.87 -1.12
CA PHE B 140 6.98 2.09 0.02
C PHE B 140 6.33 2.63 1.30
N THR B 141 6.34 3.94 1.48
CA THR B 141 5.77 4.58 2.64
C THR B 141 4.26 4.35 2.71
N LEU B 142 3.52 4.56 1.61
CA LEU B 142 2.09 4.30 1.62
C LEU B 142 1.84 2.85 1.99
N GLY B 143 2.58 1.94 1.34
CA GLY B 143 2.42 0.52 1.55
C GLY B 143 2.69 0.12 3.00
N ALA B 144 3.79 0.65 3.59
CA ALA B 144 4.08 0.24 4.96
C ALA B 144 2.90 0.59 5.88
N VAL B 145 2.35 1.80 5.71
CA VAL B 145 1.35 2.27 6.62
C VAL B 145 -0.03 1.66 6.32
N LEU B 146 -0.29 1.40 5.03
CA LEU B 146 -1.50 0.68 4.66
C LEU B 146 -1.42 -0.69 5.28
N LEU B 147 -0.27 -1.36 5.18
CA LEU B 147 -0.10 -2.66 5.78
C LEU B 147 -0.37 -2.53 7.27
N ASP B 148 0.23 -1.52 7.90
CA ASP B 148 0.18 -1.31 9.34
C ASP B 148 -1.28 -1.12 9.77
N GLN B 149 -1.98 -0.17 9.15
CA GLN B 149 -3.33 0.20 9.55
C GLN B 149 -4.34 -0.92 9.28
N GLU B 150 -4.12 -1.73 8.25
CA GLU B 150 -5.03 -2.82 7.94
C GLU B 150 -4.81 -3.99 8.92
N GLN B 151 -3.56 -4.35 9.19
CA GLN B 151 -3.30 -5.45 10.11
C GLN B 151 -3.85 -5.12 11.51
N GLN B 152 -3.80 -3.84 11.92
CA GLN B 152 -4.35 -3.49 13.22
C GLN B 152 -5.78 -4.00 13.27
N VAL B 153 -6.55 -3.71 12.23
CA VAL B 153 -7.97 -4.02 12.18
C VAL B 153 -8.18 -5.52 11.99
N ALA B 154 -7.32 -6.18 11.21
CA ALA B 154 -7.49 -7.60 10.91
C ALA B 154 -7.22 -8.46 12.14
N LYS B 155 -6.30 -7.99 12.99
CA LYS B 155 -5.93 -8.63 14.25
C LYS B 155 -7.15 -8.84 15.17
N GLU B 156 -8.06 -7.86 15.26
CA GLU B 156 -9.24 -7.92 16.12
C GLU B 156 -10.39 -8.75 15.54
N GLU B 157 -10.15 -9.48 14.43
CA GLU B 157 -11.21 -10.13 13.68
C GLU B 157 -10.90 -11.61 13.40
N ARG B 158 -9.81 -12.14 13.99
CA ARG B 158 -9.51 -13.55 13.77
C ARG B 158 -8.76 -14.08 15.00
N GLU B 159 -8.86 -15.40 15.16
CA GLU B 159 -8.11 -16.13 16.17
C GLU B 159 -6.70 -15.53 16.20
N THR B 160 -6.14 -15.42 17.41
CA THR B 160 -4.76 -15.02 17.60
C THR B 160 -3.88 -16.27 17.49
N PRO B 161 -2.79 -16.24 16.68
CA PRO B 161 -2.01 -17.46 16.43
C PRO B 161 -1.15 -17.84 17.63
N THR B 162 -0.85 -19.13 17.75
CA THR B 162 -0.04 -19.63 18.85
C THR B 162 1.44 -19.50 18.48
N PRO B 163 2.31 -18.99 19.36
CA PRO B 163 3.74 -18.96 19.04
C PRO B 163 4.20 -20.40 18.84
N ASP B 164 3.69 -21.31 19.66
CA ASP B 164 4.22 -22.67 19.75
C ASP B 164 3.95 -23.50 18.51
N SER B 165 2.96 -23.12 17.69
CA SER B 165 2.66 -23.86 16.48
C SER B 165 3.62 -23.49 15.34
N MET B 166 4.53 -22.54 15.58
CA MET B 166 5.29 -21.96 14.50
C MET B 166 6.67 -22.62 14.43
N PRO B 167 7.21 -22.85 13.22
CA PRO B 167 8.54 -23.40 13.07
C PRO B 167 9.53 -22.33 13.51
N PRO B 168 10.79 -22.70 13.80
CA PRO B 168 11.72 -21.84 14.52
C PRO B 168 11.97 -20.48 13.88
N LEU B 169 12.37 -20.46 12.60
CA LEU B 169 12.69 -19.21 11.92
C LEU B 169 11.44 -18.33 11.81
N LEU B 170 10.28 -18.93 11.54
CA LEU B 170 9.04 -18.16 11.57
C LEU B 170 8.77 -17.57 12.95
N ARG B 171 9.05 -18.34 14.03
CA ARG B 171 8.78 -17.92 15.40
C ARG B 171 9.74 -16.79 15.79
N GLN B 172 11.01 -16.89 15.35
CA GLN B 172 11.92 -15.80 15.58
C GLN B 172 11.46 -14.53 14.87
N ALA B 173 10.82 -14.65 13.70
CA ALA B 173 10.43 -13.45 12.98
C ALA B 173 9.25 -12.76 13.66
N TRP B 174 8.32 -13.57 14.18
CA TRP B 174 7.23 -13.09 15.01
C TRP B 174 7.79 -12.32 16.23
N GLU B 175 8.80 -12.89 16.89
CA GLU B 175 9.41 -12.30 18.06
C GLU B 175 10.11 -10.98 17.68
N LEU B 176 10.91 -10.96 16.60
CA LEU B 176 11.53 -9.74 16.12
C LEU B 176 10.54 -8.58 16.16
N LYS B 177 9.35 -8.82 15.62
CA LYS B 177 8.41 -7.75 15.37
C LYS B 177 7.85 -7.25 16.69
N VAL B 178 7.67 -8.15 17.66
CA VAL B 178 7.13 -7.66 18.91
C VAL B 178 8.25 -6.97 19.70
N HIS B 179 9.48 -7.49 19.63
CA HIS B 179 10.62 -6.79 20.20
C HIS B 179 10.79 -5.39 19.59
N GLN B 180 10.53 -5.26 18.28
CA GLN B 180 10.99 -4.09 17.56
C GLN B 180 9.89 -3.07 17.36
N GLY B 181 8.64 -3.49 17.29
CA GLY B 181 7.62 -2.67 16.64
C GLY B 181 7.97 -2.47 15.15
N ALA B 182 7.28 -1.53 14.49
CA ALA B 182 7.32 -1.42 13.04
C ALA B 182 8.44 -0.51 12.57
N GLU B 183 8.96 0.37 13.44
CA GLU B 183 9.82 1.45 13.00
C GLU B 183 11.09 0.93 12.33
N PRO B 184 11.82 -0.06 12.90
CA PRO B 184 13.10 -0.46 12.31
C PRO B 184 12.93 -1.10 10.92
N ALA B 185 11.82 -1.82 10.71
CA ALA B 185 11.59 -2.49 9.43
C ALA B 185 11.46 -1.42 8.34
N PHE B 186 10.71 -0.37 8.71
CA PHE B 186 10.49 0.76 7.84
C PHE B 186 11.80 1.49 7.54
N LEU B 187 12.65 1.69 8.55
CA LEU B 187 13.90 2.40 8.34
C LEU B 187 14.82 1.59 7.42
N PHE B 188 14.79 0.27 7.57
CA PHE B 188 15.72 -0.59 6.85
C PHE B 188 15.32 -0.60 5.38
N GLY B 189 14.02 -0.78 5.11
CA GLY B 189 13.47 -0.71 3.76
C GLY B 189 13.87 0.61 3.09
N LEU B 190 13.75 1.70 3.87
CA LEU B 190 14.02 3.02 3.38
C LEU B 190 15.48 3.13 2.96
N GLU B 191 16.42 2.51 3.71
CA GLU B 191 17.84 2.54 3.43
C GLU B 191 18.17 1.71 2.18
N LEU B 192 17.48 0.58 2.01
CA LEU B 192 17.61 -0.21 0.80
C LEU B 192 17.35 0.66 -0.43
N ILE B 193 16.31 1.49 -0.36
CA ILE B 193 15.94 2.34 -1.49
C ILE B 193 17.00 3.39 -1.72
N ILE B 194 17.41 4.12 -0.66
CA ILE B 194 18.49 5.10 -0.76
C ILE B 194 19.75 4.48 -1.38
N ALA B 195 20.14 3.30 -0.92
CA ALA B 195 21.38 2.68 -1.36
C ALA B 195 21.25 2.21 -2.80
N GLY B 196 20.07 1.73 -3.17
CA GLY B 196 19.80 1.42 -4.56
C GLY B 196 19.90 2.66 -5.43
N LEU B 197 19.30 3.76 -4.92
CA LEU B 197 19.33 5.04 -5.60
C LEU B 197 20.76 5.53 -5.77
N GLU B 198 21.62 5.29 -4.76
CA GLU B 198 23.01 5.74 -4.81
C GLU B 198 23.75 5.02 -5.96
N LYS B 199 23.49 3.73 -6.14
CA LYS B 199 24.09 2.98 -7.22
C LYS B 199 23.54 3.48 -8.55
N GLN B 200 22.24 3.72 -8.61
CA GLN B 200 21.62 4.20 -9.83
C GLN B 200 22.32 5.48 -10.29
N LEU B 201 22.60 6.36 -9.34
CA LEU B 201 23.07 7.70 -9.62
C LEU B 201 24.50 7.62 -10.17
N LYS B 202 25.28 6.59 -9.81
CA LYS B 202 26.60 6.39 -10.41
C LYS B 202 26.50 6.04 -11.89
N ARG B 203 25.40 5.42 -12.32
CA ARG B 203 25.29 4.83 -13.65
C ARG B 203 24.42 5.69 -14.59
#